data_4P8X
#
_entry.id   4P8X
#
_cell.length_a   71.207
_cell.length_b   71.207
_cell.length_c   141.023
_cell.angle_alpha   90.00
_cell.angle_beta   90.00
_cell.angle_gamma   90.00
#
_symmetry.space_group_name_H-M   'P 41 21 2'
#
loop_
_entity.id
_entity.type
_entity.pdbx_description
1 polymer 'Chitinase-3-like protein 2'
2 branched 2-acetamido-2-deoxy-beta-D-glucopyranose-(1-4)-2-acetamido-2-deoxy-beta-D-glucopyranose-(1-4)-2-acetamido-2-deoxy-beta-D-glucopyranose-(1-4)-2-acetamido-2-deoxy-beta-D-glucopyranose-(1-4)-2-acetamido-2-deoxy-beta-D-glucopyranose-(1-4)-2-acetamido-2-deoxy-beta-D-glucopyranose
3 non-polymer 'SULFATE ION'
4 water water
#
_entity_poly.entity_id   1
_entity_poly.type   'polypeptide(L)'
_entity_poly.pdbx_seq_one_letter_code
;AMADIGSYKLVCYFTNWSQDRQEPGKFTPENIDPFLCSHLIYSFASIENNKVIIKDKSEVMLYQTINSLKTKNPKLKILL
SIGGYLFGSKGFHPMVDSSTSRLEFINSIILFLRNHNFDGLDVSWIYPDQKENTHFTVLIHELAEAFQKDFTKSTKERLL
LTVGVSAGRQMIDNSYQVEKLAKDLDFINLLSFDFHGSWEKPLITGHNSPLSKGWQDRGPSSYYNVEYAVGYWIHKGMPS
EKVVMGIPTYGHSFTLASAETTVGAPASGPGAAGPITESSGFLAYYEICQFLKGAKITWLQDQQVPYAVKGNQWVGYDDV
KSMETKVQFLKNLNLGGAMIWSIDMDDFTGKSCNQGPYPLVQAVKRSLGSL
;
_entity_poly.pdbx_strand_id   A
#
loop_
_chem_comp.id
_chem_comp.type
_chem_comp.name
_chem_comp.formula
NAG D-saccharide, beta linking 2-acetamido-2-deoxy-beta-D-glucopyranose 'C8 H15 N O6'
SO4 non-polymer 'SULFATE ION' 'O4 S -2'
#
# COMPACT_ATOMS: atom_id res chain seq x y z
N SER A 7 19.47 -8.08 -0.18
CA SER A 7 19.19 -6.61 -0.30
C SER A 7 17.84 -6.30 -0.95
N TYR A 8 16.84 -6.21 -0.08
CA TYR A 8 15.49 -5.93 -0.47
C TYR A 8 14.97 -4.79 0.36
N LYS A 9 14.04 -4.05 -0.21
CA LYS A 9 13.43 -2.96 0.51
C LYS A 9 12.26 -3.52 1.27
N LEU A 10 11.94 -2.88 2.38
CA LEU A 10 10.72 -3.18 3.07
C LEU A 10 10.10 -1.84 3.35
N VAL A 11 9.17 -1.48 2.48
CA VAL A 11 8.56 -0.16 2.48
C VAL A 11 7.18 -0.27 3.12
N CYS A 12 6.99 0.54 4.16
CA CYS A 12 5.92 0.38 5.11
C CYS A 12 5.12 1.66 5.14
N TYR A 13 3.96 1.64 4.51
CA TYR A 13 3.01 2.72 4.69
C TYR A 13 2.36 2.69 6.09
N PHE A 14 2.09 3.86 6.63
CA PHE A 14 1.26 3.98 7.82
C PHE A 14 0.40 5.21 7.65
N THR A 15 -0.63 5.36 8.47
CA THR A 15 -1.64 6.39 8.23
C THR A 15 -1.85 7.29 9.43
N ASN A 16 -2.52 8.40 9.16
CA ASN A 16 -2.73 9.41 10.17
C ASN A 16 -4.14 9.35 10.78
N TRP A 17 -4.93 8.37 10.34
CA TRP A 17 -6.32 8.19 10.82
C TRP A 17 -6.39 7.09 11.86
N SER A 18 -5.43 6.17 11.83
CA SER A 18 -5.37 5.08 12.81
C SER A 18 -5.20 5.57 14.24
N GLN A 19 -4.74 6.79 14.43
CA GLN A 19 -4.63 7.36 15.77
C GLN A 19 -5.94 7.58 16.48
N ASP A 20 -7.04 7.67 15.73
CA ASP A 20 -8.39 7.86 16.29
C ASP A 20 -9.11 6.56 16.63
N ARG A 21 -8.38 5.46 16.52
CA ARG A 21 -8.95 4.18 16.80
C ARG A 21 -8.77 3.88 18.25
N GLN A 22 -9.61 2.97 18.74
CA GLN A 22 -9.51 2.51 20.11
C GLN A 22 -8.55 1.35 20.08
N GLU A 23 -7.93 1.10 21.23
CA GLU A 23 -7.09 -0.07 21.37
C GLU A 23 -7.85 -1.36 21.02
N PRO A 24 -7.19 -2.26 20.29
CA PRO A 24 -5.79 -2.12 19.97
C PRO A 24 -5.53 -1.71 18.52
N GLY A 25 -6.39 -0.90 17.93
CA GLY A 25 -6.13 -0.35 16.58
C GLY A 25 -5.45 1.02 16.64
N LYS A 26 -5.08 1.42 17.84
CA LYS A 26 -4.71 2.79 18.14
C LYS A 26 -3.22 3.10 17.95
N PHE A 27 -2.90 3.70 16.82
CA PHE A 27 -1.52 3.74 16.37
C PHE A 27 -1.03 5.17 16.27
N THR A 28 0.15 5.44 16.80
CA THR A 28 0.85 6.70 16.49
C THR A 28 2.25 6.37 15.99
N PRO A 29 2.85 7.26 15.18
CA PRO A 29 4.25 7.08 14.84
C PRO A 29 5.14 6.57 15.97
N GLU A 30 4.82 6.91 17.21
CA GLU A 30 5.61 6.45 18.35
C GLU A 30 5.52 4.92 18.50
N ASN A 31 4.54 4.30 17.86
CA ASN A 31 4.46 2.83 17.82
C ASN A 31 5.39 2.16 16.81
N ILE A 32 6.15 2.95 16.04
CA ILE A 32 6.96 2.38 14.95
C ILE A 32 8.32 1.88 15.43
N ASP A 33 8.71 0.72 14.94
CA ASP A 33 9.99 0.16 15.27
C ASP A 33 10.97 0.72 14.26
N PRO A 34 12.02 1.44 14.71
CA PRO A 34 12.95 1.95 13.69
C PRO A 34 13.70 0.92 12.83
N PHE A 35 13.79 -0.33 13.27
CA PHE A 35 14.55 -1.31 12.50
C PHE A 35 13.67 -2.29 11.78
N LEU A 36 12.36 -2.09 11.88
CA LEU A 36 11.42 -2.98 11.26
C LEU A 36 11.50 -2.91 9.75
N CYS A 37 11.40 -1.70 9.21
CA CYS A 37 11.39 -1.50 7.77
C CYS A 37 12.58 -0.69 7.30
N SER A 38 12.81 -0.73 5.99
CA SER A 38 13.86 0.05 5.35
C SER A 38 13.31 1.44 5.04
N HIS A 39 12.04 1.52 4.66
CA HIS A 39 11.39 2.80 4.36
C HIS A 39 10.08 2.95 5.09
N LEU A 40 9.81 4.15 5.55
CA LEU A 40 8.51 4.50 6.10
C LEU A 40 7.81 5.53 5.24
N ILE A 41 6.54 5.33 4.92
CA ILE A 41 5.78 6.35 4.15
C ILE A 41 4.55 6.81 4.92
N TYR A 42 4.47 8.12 5.17
CA TYR A 42 3.36 8.70 5.86
C TYR A 42 2.20 9.01 4.92
N SER A 43 0.99 8.63 5.34
CA SER A 43 -0.20 8.72 4.54
C SER A 43 -1.28 9.52 5.29
N PHE A 44 -1.84 10.58 4.74
CA PHE A 44 -1.40 11.23 3.50
C PHE A 44 -1.24 12.72 3.78
N ALA A 45 -0.43 13.38 2.96
CA ALA A 45 -0.39 14.84 2.94
C ALA A 45 -1.49 15.46 2.07
N SER A 46 -1.62 16.77 2.17
CA SER A 46 -2.66 17.52 1.44
C SER A 46 -2.04 18.63 0.60
N ILE A 47 -2.90 19.31 -0.15
CA ILE A 47 -2.48 20.35 -1.07
C ILE A 47 -3.38 21.55 -0.92
N GLU A 48 -2.89 22.57 -0.23
CA GLU A 48 -3.63 23.81 -0.09
C GLU A 48 -2.80 24.91 -0.74
N ASN A 49 -3.44 25.66 -1.62
CA ASN A 49 -2.83 26.82 -2.33
C ASN A 49 -1.71 26.41 -3.29
N ASN A 50 -1.94 25.30 -3.99
CA ASN A 50 -0.91 24.62 -4.79
C ASN A 50 0.36 24.32 -4.00
N LYS A 51 0.21 24.10 -2.70
CA LYS A 51 1.34 23.86 -1.83
C LYS A 51 1.11 22.64 -0.93
N VAL A 52 2.20 22.07 -0.44
CA VAL A 52 2.12 20.85 0.40
C VAL A 52 2.00 21.17 1.89
N ILE A 53 0.97 20.61 2.51
CA ILE A 53 0.76 20.70 3.95
C ILE A 53 0.49 19.32 4.52
N ILE A 54 0.26 19.29 5.82
CA ILE A 54 -0.17 18.12 6.53
C ILE A 54 -1.34 18.52 7.41
N LYS A 55 -2.48 17.85 7.18
CA LYS A 55 -3.65 18.02 8.02
C LYS A 55 -3.68 16.86 8.96
N ASP A 56 -3.11 17.07 10.12
CA ASP A 56 -3.06 16.06 11.14
C ASP A 56 -2.87 16.90 12.41
N LYS A 57 -3.70 16.66 13.40
CA LYS A 57 -3.61 17.36 14.67
C LYS A 57 -2.35 16.91 15.44
N SER A 58 -1.71 15.86 14.96
CA SER A 58 -0.46 15.37 15.54
C SER A 58 0.74 15.64 14.63
N GLU A 59 0.54 16.53 13.65
CA GLU A 59 1.61 16.90 12.73
C GLU A 59 2.95 17.15 13.44
N VAL A 60 2.93 17.95 14.49
CA VAL A 60 4.16 18.40 15.13
C VAL A 60 4.87 17.30 15.94
N MET A 61 4.08 16.43 16.56
CA MET A 61 4.64 15.32 17.29
C MET A 61 5.19 14.29 16.34
N LEU A 62 4.64 14.24 15.13
CA LEU A 62 5.15 13.37 14.08
C LEU A 62 6.56 13.75 13.66
N TYR A 63 6.80 15.06 13.48
CA TYR A 63 8.14 15.57 13.18
C TYR A 63 9.12 15.13 14.24
N GLN A 64 8.72 15.27 15.48
CA GLN A 64 9.53 14.83 16.59
C GLN A 64 9.82 13.33 16.50
N THR A 65 8.86 12.55 16.05
CA THR A 65 9.07 11.12 16.03
C THR A 65 9.98 10.77 14.87
N ILE A 66 9.76 11.41 13.74
CA ILE A 66 10.65 11.22 12.59
C ILE A 66 12.16 11.35 12.96
N ASN A 67 12.50 12.39 13.71
CA ASN A 67 13.89 12.68 14.10
C ASN A 67 14.45 11.65 15.09
N SER A 68 13.59 11.20 16.01
CA SER A 68 13.93 10.10 16.92
C SER A 68 14.19 8.84 16.13
N LEU A 69 13.29 8.55 15.22
CA LEU A 69 13.41 7.34 14.43
C LEU A 69 14.73 7.28 13.66
N LYS A 70 15.09 8.39 13.03
CA LYS A 70 16.26 8.44 12.14
C LYS A 70 17.55 8.59 12.93
N THR A 71 17.43 9.16 14.13
CA THR A 71 18.51 9.16 15.08
C THR A 71 18.84 7.71 15.49
N LYS A 72 17.81 6.94 15.86
CA LYS A 72 18.04 5.57 16.28
C LYS A 72 18.49 4.71 15.10
N ASN A 73 17.92 4.92 13.93
CA ASN A 73 18.37 4.23 12.72
C ASN A 73 18.74 5.19 11.60
N PRO A 74 20.03 5.54 11.54
CA PRO A 74 20.53 6.41 10.48
C PRO A 74 20.24 5.88 9.06
N LYS A 75 20.14 4.56 8.88
CA LYS A 75 19.80 3.98 7.54
C LYS A 75 18.32 4.22 7.13
N LEU A 76 17.52 4.68 8.06
CA LEU A 76 16.11 4.73 7.83
C LEU A 76 15.76 5.88 6.93
N LYS A 77 14.86 5.59 6.01
CA LYS A 77 14.33 6.56 5.06
C LYS A 77 12.85 6.71 5.29
N ILE A 78 12.41 7.94 5.44
CA ILE A 78 11.02 8.25 5.68
C ILE A 78 10.52 9.15 4.58
N LEU A 79 9.42 8.77 3.94
CA LEU A 79 8.90 9.46 2.79
C LEU A 79 7.55 10.01 3.10
N LEU A 80 7.12 10.92 2.27
CA LEU A 80 5.82 11.53 2.45
C LEU A 80 4.96 11.16 1.26
N SER A 81 3.74 10.71 1.52
CA SER A 81 2.86 10.33 0.44
C SER A 81 1.75 11.34 0.19
N ILE A 82 1.39 11.47 -1.08
CA ILE A 82 0.26 12.31 -1.46
C ILE A 82 -0.67 11.50 -2.31
N GLY A 83 -1.94 11.50 -1.96
CA GLY A 83 -2.95 10.77 -2.72
C GLY A 83 -3.85 9.89 -1.88
N GLY A 84 -4.07 8.69 -2.41
CA GLY A 84 -4.91 7.70 -1.77
C GLY A 84 -6.25 7.69 -2.46
N TYR A 85 -7.03 6.70 -2.09
CA TYR A 85 -8.26 6.46 -2.79
C TYR A 85 -9.22 7.62 -2.63
N LEU A 86 -9.28 8.18 -1.42
CA LEU A 86 -10.19 9.27 -1.11
C LEU A 86 -9.72 10.65 -1.59
N PHE A 87 -8.42 10.85 -1.73
CA PHE A 87 -7.94 12.07 -2.37
C PHE A 87 -8.51 12.13 -3.76
N GLY A 88 -8.48 10.96 -4.40
CA GLY A 88 -8.94 10.79 -5.74
C GLY A 88 -8.07 11.52 -6.74
N SER A 89 -8.71 11.89 -7.86
CA SER A 89 -8.12 12.75 -8.88
C SER A 89 -8.40 14.23 -8.58
N LYS A 90 -9.47 14.50 -7.83
CA LYS A 90 -9.92 15.85 -7.49
C LYS A 90 -8.94 16.61 -6.62
N GLY A 91 -8.29 15.90 -5.69
CA GLY A 91 -7.31 16.51 -4.79
C GLY A 91 -6.14 17.19 -5.49
N PHE A 92 -5.74 16.66 -6.63
CA PHE A 92 -4.66 17.18 -7.44
C PHE A 92 -5.02 18.43 -8.27
N HIS A 93 -6.32 18.75 -8.36
CA HIS A 93 -6.79 20.05 -8.92
C HIS A 93 -7.04 21.11 -7.81
N PRO A 94 -6.60 22.36 -8.07
CA PRO A 94 -6.11 22.84 -9.37
C PRO A 94 -4.59 22.80 -9.58
N MET A 95 -3.85 22.16 -8.69
CA MET A 95 -2.37 22.21 -8.71
C MET A 95 -1.77 21.74 -10.03
N VAL A 96 -2.32 20.69 -10.62
CA VAL A 96 -1.78 20.16 -11.87
C VAL A 96 -2.15 20.93 -13.14
N ASP A 97 -3.08 21.87 -13.05
CA ASP A 97 -3.68 22.45 -14.25
C ASP A 97 -2.75 23.34 -15.08
N SER A 98 -1.56 23.62 -14.58
CA SER A 98 -0.57 24.38 -15.33
C SER A 98 0.78 24.27 -14.68
N SER A 99 1.80 24.56 -15.47
CA SER A 99 3.18 24.38 -15.05
C SER A 99 3.49 25.34 -13.94
N THR A 100 2.82 26.48 -13.95
CA THR A 100 3.02 27.47 -12.92
C THR A 100 2.59 26.99 -11.54
N SER A 101 1.43 26.39 -11.47
CA SER A 101 0.88 25.91 -10.21
C SER A 101 1.61 24.65 -9.84
N ARG A 102 1.90 23.84 -10.84
CA ARG A 102 2.81 22.71 -10.64
C ARG A 102 4.19 23.11 -10.12
N LEU A 103 4.79 24.15 -10.68
CA LEU A 103 6.10 24.56 -10.17
C LEU A 103 5.98 25.11 -8.75
N GLU A 104 4.89 25.78 -8.46
CA GLU A 104 4.68 26.34 -7.12
C GLU A 104 4.70 25.18 -6.12
N PHE A 105 4.09 24.08 -6.54
CA PHE A 105 3.99 22.87 -5.75
C PHE A 105 5.35 22.16 -5.56
N ILE A 106 6.04 22.00 -6.66
CA ILE A 106 7.28 21.27 -6.62
C ILE A 106 8.27 21.99 -5.75
N ASN A 107 8.23 23.31 -5.74
CA ASN A 107 9.12 24.01 -4.83
C ASN A 107 8.66 23.94 -3.39
N SER A 108 7.35 23.83 -3.15
CA SER A 108 6.86 23.63 -1.76
C SER A 108 7.35 22.30 -1.21
N ILE A 109 7.45 21.31 -2.10
CA ILE A 109 7.79 19.97 -1.70
C ILE A 109 9.24 19.95 -1.24
N ILE A 110 10.11 20.53 -2.04
CA ILE A 110 11.52 20.50 -1.75
C ILE A 110 11.76 21.17 -0.41
N LEU A 111 11.23 22.37 -0.23
CA LEU A 111 11.44 23.08 1.02
C LEU A 111 10.85 22.26 2.20
N PHE A 112 9.66 21.74 1.97
CA PHE A 112 8.95 20.96 3.00
C PHE A 112 9.67 19.73 3.55
N LEU A 113 10.18 18.93 2.64
CA LEU A 113 10.89 17.71 2.95
C LEU A 113 12.21 17.97 3.67
N ARG A 114 12.90 19.04 3.26
CA ARG A 114 14.16 19.43 3.86
C ARG A 114 13.94 19.97 5.24
N ASN A 115 12.99 20.87 5.36
CA ASN A 115 12.68 21.42 6.69
C ASN A 115 12.30 20.36 7.69
N HIS A 116 11.67 19.28 7.22
CA HIS A 116 11.08 18.28 8.11
C HIS A 116 11.73 16.91 8.03
N ASN A 117 12.81 16.81 7.29
CA ASN A 117 13.64 15.67 7.43
C ASN A 117 13.01 14.45 6.77
N PHE A 118 12.19 14.70 5.78
CA PHE A 118 11.76 13.59 4.94
C PHE A 118 12.84 13.31 3.94
N ASP A 119 12.83 12.11 3.38
CA ASP A 119 13.85 11.66 2.43
C ASP A 119 13.32 11.57 1.03
N GLY A 120 12.03 11.76 0.85
CA GLY A 120 11.52 11.76 -0.51
C GLY A 120 10.02 11.90 -0.51
N LEU A 121 9.43 11.59 -1.64
CA LEU A 121 8.01 11.73 -1.82
C LEU A 121 7.43 10.53 -2.54
N ASP A 122 6.26 10.09 -2.08
CA ASP A 122 5.49 9.09 -2.77
C ASP A 122 4.30 9.78 -3.40
N VAL A 123 4.07 9.56 -4.68
CA VAL A 123 2.80 10.03 -5.27
C VAL A 123 1.95 8.82 -5.58
N SER A 124 0.85 8.68 -4.85
CA SER A 124 -0.05 7.56 -5.01
C SER A 124 -1.37 8.06 -5.50
N TRP A 125 -1.40 8.41 -6.78
CA TRP A 125 -2.58 9.00 -7.38
C TRP A 125 -3.57 7.91 -7.77
N ILE A 126 -4.81 8.05 -7.28
CA ILE A 126 -5.82 7.01 -7.42
C ILE A 126 -7.12 7.54 -8.10
N TYR A 127 -7.24 7.47 -9.42
CA TYR A 127 -6.19 7.03 -10.34
C TYR A 127 -6.07 8.08 -11.43
N PRO A 128 -4.93 8.10 -12.15
CA PRO A 128 -4.92 9.02 -13.28
C PRO A 128 -5.99 8.65 -14.33
N ASP A 129 -6.06 7.36 -14.64
CA ASP A 129 -7.01 6.85 -15.63
C ASP A 129 -6.68 7.48 -16.99
N GLN A 130 -7.65 7.46 -17.90
CA GLN A 130 -7.55 8.16 -19.16
C GLN A 130 -7.39 9.68 -18.98
N LYS A 131 -8.34 10.29 -18.27
CA LYS A 131 -8.38 11.75 -18.16
C LYS A 131 -7.05 12.35 -17.76
N GLU A 132 -6.43 11.80 -16.71
CA GLU A 132 -5.28 12.44 -16.08
C GLU A 132 -3.95 11.78 -16.33
N ASN A 133 -3.94 10.86 -17.28
CA ASN A 133 -2.74 10.14 -17.66
C ASN A 133 -1.63 11.12 -17.96
N THR A 134 -1.97 12.10 -18.78
CA THR A 134 -1.03 13.13 -19.18
C THR A 134 -0.53 13.93 -17.99
N HIS A 135 -1.46 14.45 -17.18
CA HIS A 135 -1.09 15.26 -16.01
C HIS A 135 -0.20 14.49 -15.02
N PHE A 136 -0.53 13.23 -14.78
CA PHE A 136 0.24 12.46 -13.84
C PHE A 136 1.66 12.30 -14.38
N THR A 137 1.77 11.86 -15.63
CA THR A 137 3.07 11.72 -16.28
C THR A 137 3.91 12.99 -16.12
N VAL A 138 3.32 14.12 -16.51
CA VAL A 138 4.01 15.41 -16.48
C VAL A 138 4.45 15.77 -15.07
N LEU A 139 3.55 15.56 -14.09
CA LEU A 139 3.88 15.97 -12.76
C LEU A 139 5.07 15.15 -12.25
N ILE A 140 5.08 13.87 -12.60
CA ILE A 140 6.13 12.99 -12.12
C ILE A 140 7.45 13.41 -12.73
N HIS A 141 7.42 13.73 -14.02
CA HIS A 141 8.64 14.17 -14.69
C HIS A 141 9.18 15.50 -14.15
N GLU A 142 8.29 16.44 -13.88
CA GLU A 142 8.72 17.72 -13.34
C GLU A 142 9.33 17.54 -11.97
N LEU A 143 8.74 16.70 -11.13
CA LEU A 143 9.33 16.39 -9.80
C LEU A 143 10.69 15.73 -9.90
N ALA A 144 10.73 14.68 -10.70
CA ALA A 144 11.95 13.92 -10.93
C ALA A 144 13.12 14.81 -11.32
N GLU A 145 12.83 15.74 -12.23
CA GLU A 145 13.80 16.74 -12.72
C GLU A 145 14.19 17.75 -11.65
N ALA A 146 13.17 18.32 -10.99
CA ALA A 146 13.43 19.28 -9.94
C ALA A 146 14.27 18.65 -8.84
N PHE A 147 14.03 17.36 -8.58
CA PHE A 147 14.74 16.66 -7.52
C PHE A 147 16.19 16.48 -7.90
N GLN A 148 16.39 16.10 -9.15
CA GLN A 148 17.73 15.92 -9.66
C GLN A 148 18.44 17.28 -9.62
N LYS A 149 17.79 18.28 -10.21
CA LYS A 149 18.34 19.63 -10.19
C LYS A 149 18.74 20.05 -8.77
N ASP A 150 17.84 19.89 -7.80
CA ASP A 150 18.15 20.28 -6.43
C ASP A 150 19.41 19.57 -5.88
N PHE A 151 19.54 18.28 -6.20
CA PHE A 151 20.68 17.49 -5.72
C PHE A 151 22.01 17.92 -6.35
N THR A 152 21.91 18.48 -7.55
CA THR A 152 23.02 19.15 -8.20
C THR A 152 23.64 20.24 -7.29
N LYS A 153 22.81 20.98 -6.55
CA LYS A 153 23.28 22.07 -5.67
C LYS A 153 23.21 21.69 -4.20
N SER A 154 23.59 20.47 -3.86
CA SER A 154 23.34 19.99 -2.51
C SER A 154 24.51 19.25 -1.89
N THR A 155 24.54 19.28 -0.56
CA THR A 155 25.41 18.41 0.25
C THR A 155 24.61 17.22 0.82
N LYS A 156 23.29 17.24 0.56
CA LYS A 156 22.36 16.20 0.99
C LYS A 156 22.12 15.18 -0.11
N GLU A 157 21.78 13.95 0.31
CA GLU A 157 21.31 12.93 -0.60
C GLU A 157 20.08 13.44 -1.32
N ARG A 158 19.77 12.90 -2.47
CA ARG A 158 18.68 13.50 -3.21
C ARG A 158 17.35 12.87 -2.89
N LEU A 159 16.35 13.72 -3.01
CA LEU A 159 15.02 13.35 -2.66
C LEU A 159 14.56 12.25 -3.58
N LEU A 160 14.04 11.18 -2.94
CA LEU A 160 13.57 9.98 -3.62
C LEU A 160 12.20 10.23 -4.10
N LEU A 161 11.85 9.63 -5.22
CA LEU A 161 10.52 9.76 -5.76
C LEU A 161 9.95 8.36 -6.06
N THR A 162 8.80 8.08 -5.49
CA THR A 162 8.16 6.80 -5.66
C THR A 162 6.73 7.08 -6.01
N VAL A 163 6.02 6.01 -6.34
CA VAL A 163 4.60 6.11 -6.65
C VAL A 163 3.81 4.81 -6.39
N GLY A 164 2.70 4.95 -5.67
CA GLY A 164 1.73 3.88 -5.48
C GLY A 164 0.90 3.77 -6.73
N VAL A 165 0.97 2.59 -7.37
CA VAL A 165 0.38 2.35 -8.68
C VAL A 165 -0.57 1.16 -8.69
N SER A 166 -1.54 1.20 -9.60
CA SER A 166 -2.53 0.15 -9.76
C SER A 166 -1.87 -1.19 -10.08
N ALA A 167 -2.44 -2.23 -9.49
CA ALA A 167 -2.16 -3.61 -9.90
C ALA A 167 -3.19 -4.14 -10.90
N GLY A 168 -4.21 -3.32 -11.20
CA GLY A 168 -5.29 -3.65 -12.16
C GLY A 168 -4.94 -3.41 -13.64
N ARG A 169 -4.87 -4.49 -14.39
CA ARG A 169 -4.49 -4.44 -15.80
C ARG A 169 -5.06 -3.30 -16.64
N GLN A 170 -6.36 -3.11 -16.59
CA GLN A 170 -7.00 -2.09 -17.41
C GLN A 170 -6.63 -0.70 -16.90
N MET A 171 -6.67 -0.53 -15.59
CA MET A 171 -6.27 0.73 -14.96
C MET A 171 -4.83 1.08 -15.30
N ILE A 172 -3.98 0.05 -15.40
CA ILE A 172 -2.59 0.31 -15.74
C ILE A 172 -2.51 0.74 -17.20
N ASP A 173 -3.29 0.09 -18.05
CA ASP A 173 -3.32 0.46 -19.45
C ASP A 173 -3.75 1.93 -19.63
N ASN A 174 -4.81 2.34 -18.93
CA ASN A 174 -5.35 3.70 -19.06
C ASN A 174 -4.51 4.82 -18.41
N SER A 175 -3.87 4.52 -17.27
CA SER A 175 -3.27 5.55 -16.41
C SER A 175 -1.81 5.87 -16.66
N TYR A 176 -1.03 4.90 -17.12
CA TYR A 176 0.42 5.06 -17.07
C TYR A 176 1.15 4.94 -18.41
N GLN A 177 2.22 5.75 -18.50
CA GLN A 177 3.30 5.64 -19.49
C GLN A 177 4.48 5.09 -18.71
N VAL A 178 4.62 3.77 -18.76
CA VAL A 178 5.48 3.00 -17.84
C VAL A 178 6.95 3.27 -18.07
N GLU A 179 7.36 3.25 -19.32
CA GLU A 179 8.77 3.47 -19.65
C GLU A 179 9.27 4.81 -19.17
N LYS A 180 8.39 5.81 -19.22
CA LYS A 180 8.73 7.14 -18.72
C LYS A 180 8.83 7.05 -17.22
N LEU A 181 7.83 6.44 -16.61
CA LEU A 181 7.84 6.19 -15.17
C LEU A 181 9.10 5.49 -14.66
N ALA A 182 9.62 4.57 -15.46
CA ALA A 182 10.78 3.78 -15.09
C ALA A 182 12.01 4.67 -14.89
N LYS A 183 12.10 5.72 -15.68
CA LYS A 183 13.19 6.69 -15.60
C LYS A 183 13.04 7.67 -14.45
N ASP A 184 11.84 8.15 -14.27
CA ASP A 184 11.58 9.23 -13.31
C ASP A 184 11.52 8.74 -11.85
N LEU A 185 10.90 7.58 -11.63
CA LEU A 185 10.71 7.01 -10.29
C LEU A 185 11.86 6.15 -9.87
N ASP A 186 12.30 6.32 -8.63
CA ASP A 186 13.23 5.37 -8.01
C ASP A 186 12.63 3.95 -7.85
N PHE A 187 11.33 3.84 -7.62
CA PHE A 187 10.63 2.57 -7.61
C PHE A 187 9.14 2.77 -7.54
N ILE A 188 8.39 1.76 -7.97
CA ILE A 188 6.96 1.73 -7.72
C ILE A 188 6.62 0.93 -6.48
N ASN A 189 5.61 1.42 -5.79
CA ASN A 189 4.96 0.67 -4.74
C ASN A 189 3.76 0.04 -5.43
N LEU A 190 3.86 -1.25 -5.74
CA LEU A 190 2.79 -1.88 -6.50
C LEU A 190 1.62 -2.17 -5.57
N LEU A 191 0.46 -1.64 -5.90
CA LEU A 191 -0.70 -1.80 -5.03
C LEU A 191 -1.45 -3.12 -5.31
N SER A 192 -0.78 -4.22 -5.01
CA SER A 192 -1.22 -5.55 -5.42
C SER A 192 -2.11 -6.14 -4.33
N PHE A 193 -3.27 -5.53 -4.28
CA PHE A 193 -4.34 -5.98 -3.46
C PHE A 193 -5.62 -5.35 -4.02
N ASP A 194 -6.66 -5.36 -3.22
CA ASP A 194 -7.96 -4.92 -3.64
C ASP A 194 -8.35 -5.48 -5.03
N PHE A 195 -7.94 -6.72 -5.25
CA PHE A 195 -8.33 -7.48 -6.44
C PHE A 195 -9.78 -7.94 -6.43
N HIS A 196 -10.30 -8.21 -5.23
CA HIS A 196 -11.71 -8.56 -5.05
C HIS A 196 -12.23 -7.95 -3.78
N GLY A 197 -13.52 -7.67 -3.80
CA GLY A 197 -14.21 -6.97 -2.71
C GLY A 197 -15.65 -6.62 -3.09
N SER A 198 -16.36 -6.05 -2.12
CA SER A 198 -17.82 -6.00 -2.13
C SER A 198 -18.43 -4.97 -3.11
N TRP A 199 -17.58 -4.29 -3.86
CA TRP A 199 -17.97 -3.36 -4.92
C TRP A 199 -18.28 -4.08 -6.20
N GLU A 200 -17.94 -5.36 -6.26
CA GLU A 200 -18.12 -6.16 -7.48
C GLU A 200 -19.57 -6.51 -7.84
N LYS A 201 -19.77 -6.72 -9.14
CA LYS A 201 -21.07 -7.05 -9.75
C LYS A 201 -20.82 -8.03 -10.90
N PRO A 202 -21.28 -9.28 -10.77
CA PRO A 202 -22.13 -9.79 -9.69
C PRO A 202 -21.37 -9.87 -8.38
N LEU A 203 -22.13 -9.78 -7.29
CA LEU A 203 -21.55 -9.73 -5.97
C LEU A 203 -21.23 -11.12 -5.42
N ILE A 204 -19.97 -11.52 -5.57
CA ILE A 204 -19.55 -12.86 -5.17
C ILE A 204 -18.27 -12.79 -4.35
N THR A 205 -18.06 -13.77 -3.46
CA THR A 205 -16.85 -13.79 -2.65
C THR A 205 -15.66 -13.92 -3.55
N GLY A 206 -14.60 -13.23 -3.17
CA GLY A 206 -13.33 -13.27 -3.88
C GLY A 206 -12.29 -12.80 -2.91
N HIS A 207 -11.05 -13.19 -3.13
CA HIS A 207 -9.95 -12.86 -2.22
C HIS A 207 -9.25 -11.53 -2.57
N ASN A 208 -8.99 -10.72 -1.56
CA ASN A 208 -8.45 -9.37 -1.73
C ASN A 208 -7.08 -9.33 -2.43
N SER A 209 -6.23 -10.29 -2.09
CA SER A 209 -4.88 -10.31 -2.63
C SER A 209 -4.37 -11.69 -3.05
N PRO A 210 -4.94 -12.28 -4.10
CA PRO A 210 -4.42 -13.62 -4.46
C PRO A 210 -3.08 -13.61 -5.19
N LEU A 211 -2.17 -14.45 -4.73
CA LEU A 211 -0.92 -14.63 -5.42
C LEU A 211 -1.11 -15.14 -6.84
N SER A 212 -1.93 -16.17 -7.00
CA SER A 212 -2.02 -16.81 -8.30
C SER A 212 -3.46 -16.82 -8.73
N LYS A 213 -3.63 -17.17 -10.01
CA LYS A 213 -4.93 -17.37 -10.64
C LYS A 213 -5.84 -18.34 -9.89
N GLY A 214 -7.12 -18.01 -9.86
CA GLY A 214 -8.12 -18.94 -9.33
C GLY A 214 -8.45 -19.98 -10.37
N TRP A 215 -8.90 -21.15 -9.92
CA TRP A 215 -9.34 -22.22 -10.85
C TRP A 215 -10.58 -21.77 -11.65
N GLN A 216 -11.41 -20.94 -11.03
CA GLN A 216 -12.58 -20.41 -11.74
C GLN A 216 -12.26 -19.14 -12.49
N ASP A 217 -11.02 -18.65 -12.42
CA ASP A 217 -10.68 -17.43 -13.13
C ASP A 217 -10.50 -17.71 -14.59
N ARG A 218 -11.32 -17.02 -15.40
CA ARG A 218 -11.18 -17.06 -16.84
C ARG A 218 -11.30 -15.63 -17.39
N GLY A 219 -10.61 -15.39 -18.51
CA GLY A 219 -10.68 -14.10 -19.18
C GLY A 219 -10.01 -13.03 -18.36
N PRO A 220 -10.71 -11.91 -18.11
CA PRO A 220 -10.01 -10.86 -17.38
C PRO A 220 -9.96 -11.06 -15.89
N SER A 221 -10.57 -12.13 -15.38
CA SER A 221 -10.34 -12.52 -13.99
C SER A 221 -8.93 -13.08 -13.83
N SER A 222 -8.36 -13.67 -14.89
CA SER A 222 -6.98 -14.17 -14.89
C SER A 222 -5.97 -13.11 -14.60
N TYR A 223 -6.41 -11.86 -14.64
CA TYR A 223 -5.53 -10.74 -14.39
C TYR A 223 -5.45 -10.39 -12.91
N TYR A 224 -6.48 -10.77 -12.16
CA TYR A 224 -6.67 -10.27 -10.79
C TYR A 224 -5.92 -11.09 -9.78
N ASN A 225 -4.62 -11.10 -9.92
CA ASN A 225 -3.77 -11.68 -8.94
C ASN A 225 -2.41 -11.03 -9.07
N VAL A 226 -1.63 -11.28 -8.04
CA VAL A 226 -0.37 -10.63 -7.82
C VAL A 226 0.65 -11.00 -8.84
N GLU A 227 0.84 -12.30 -9.02
CA GLU A 227 1.70 -12.85 -10.10
C GLU A 227 1.53 -12.14 -11.42
N TYR A 228 0.27 -12.03 -11.83
CA TYR A 228 -0.02 -11.39 -13.08
C TYR A 228 0.40 -9.93 -13.06
N ALA A 229 -0.07 -9.20 -12.04
CA ALA A 229 0.17 -7.76 -11.91
C ALA A 229 1.63 -7.40 -12.02
N VAL A 230 2.43 -8.07 -11.19
CA VAL A 230 3.89 -7.95 -11.19
C VAL A 230 4.48 -8.20 -12.57
N GLY A 231 4.09 -9.30 -13.21
CA GLY A 231 4.61 -9.66 -14.53
C GLY A 231 4.29 -8.65 -15.61
N TYR A 232 3.09 -8.06 -15.51
CA TYR A 232 2.60 -7.11 -16.51
C TYR A 232 3.34 -5.79 -16.44
N TRP A 233 3.70 -5.39 -15.24
CA TRP A 233 4.52 -4.21 -15.01
C TRP A 233 5.88 -4.37 -15.63
N ILE A 234 6.50 -5.53 -15.39
CA ILE A 234 7.82 -5.83 -15.97
C ILE A 234 7.77 -5.85 -17.51
N HIS A 235 6.72 -6.46 -18.02
CA HIS A 235 6.46 -6.54 -19.46
C HIS A 235 6.28 -5.16 -20.10
N LYS A 236 5.64 -4.25 -19.38
CA LYS A 236 5.33 -2.93 -19.89
C LYS A 236 6.54 -1.99 -19.81
N GLY A 237 7.59 -2.42 -19.12
CA GLY A 237 8.86 -1.71 -19.12
C GLY A 237 9.58 -1.58 -17.78
N MET A 238 8.86 -1.73 -16.67
CA MET A 238 9.44 -1.42 -15.38
C MET A 238 10.43 -2.51 -15.06
N PRO A 239 11.72 -2.16 -14.84
CA PRO A 239 12.69 -3.14 -14.40
C PRO A 239 12.27 -3.76 -13.09
N SER A 240 12.58 -5.04 -12.93
CA SER A 240 12.07 -5.80 -11.80
C SER A 240 12.43 -5.22 -10.44
N GLU A 241 13.66 -4.75 -10.29
CA GLU A 241 14.15 -4.19 -9.01
C GLU A 241 13.49 -2.86 -8.63
N LYS A 242 12.75 -2.26 -9.55
CA LYS A 242 12.02 -1.03 -9.25
C LYS A 242 10.64 -1.39 -8.86
N VAL A 243 10.30 -2.66 -8.98
CA VAL A 243 9.00 -3.15 -8.52
C VAL A 243 9.15 -3.52 -7.06
N VAL A 244 8.38 -2.84 -6.21
CA VAL A 244 8.28 -3.12 -4.79
C VAL A 244 6.85 -3.57 -4.54
N MET A 245 6.75 -4.81 -4.02
CA MET A 245 5.53 -5.60 -4.12
C MET A 245 4.66 -5.39 -2.90
N GLY A 246 3.47 -4.89 -3.14
CA GLY A 246 2.56 -4.58 -2.06
C GLY A 246 1.92 -5.83 -1.50
N ILE A 247 1.87 -5.88 -0.17
CA ILE A 247 1.24 -6.94 0.58
C ILE A 247 0.29 -6.30 1.60
N PRO A 248 -0.89 -6.87 1.76
CA PRO A 248 -1.81 -6.19 2.68
C PRO A 248 -1.79 -6.77 4.06
N THR A 249 -2.08 -5.93 5.07
CA THR A 249 -2.26 -6.40 6.44
C THR A 249 -3.74 -6.50 6.81
N TYR A 250 -4.60 -6.23 5.84
CA TYR A 250 -6.05 -6.27 6.04
C TYR A 250 -6.67 -7.34 5.14
N GLY A 251 -7.93 -7.67 5.39
CA GLY A 251 -8.70 -8.53 4.47
C GLY A 251 -10.00 -7.88 4.03
N HIS A 252 -10.54 -8.34 2.90
CA HIS A 252 -11.91 -8.00 2.49
C HIS A 252 -12.93 -9.05 2.91
N SER A 253 -14.01 -8.54 3.51
CA SER A 253 -15.11 -9.33 4.03
C SER A 253 -16.37 -9.30 3.13
N PHE A 254 -17.18 -10.33 3.31
CA PHE A 254 -18.48 -10.49 2.64
C PHE A 254 -19.50 -11.07 3.61
N THR A 255 -20.75 -10.62 3.48
CA THR A 255 -21.87 -11.30 4.14
C THR A 255 -22.43 -12.25 3.09
N LEU A 256 -22.54 -13.51 3.49
CA LEU A 256 -22.96 -14.58 2.59
C LEU A 256 -24.47 -14.59 2.37
N ALA A 257 -24.88 -14.65 1.11
CA ALA A 257 -26.31 -14.66 0.74
C ALA A 257 -26.94 -16.06 0.98
N SER A 258 -26.24 -17.09 0.54
CA SER A 258 -26.75 -18.44 0.59
C SER A 258 -25.90 -19.26 1.57
N ALA A 259 -25.76 -20.54 1.25
CA ALA A 259 -25.07 -21.50 2.12
C ALA A 259 -23.74 -21.97 1.54
N GLU A 260 -23.50 -21.67 0.27
CA GLU A 260 -22.16 -21.77 -0.31
C GLU A 260 -21.17 -20.97 0.53
N THR A 261 -20.04 -21.59 0.87
CA THR A 261 -18.97 -20.87 1.55
C THR A 261 -17.73 -20.81 0.67
N THR A 262 -17.89 -21.11 -0.62
CA THR A 262 -16.75 -21.20 -1.49
C THR A 262 -16.39 -19.82 -2.02
N VAL A 263 -15.32 -19.81 -2.83
CA VAL A 263 -14.92 -18.67 -3.61
C VAL A 263 -15.95 -18.59 -4.72
N GLY A 264 -16.47 -17.40 -4.95
CA GLY A 264 -17.49 -17.20 -5.97
C GLY A 264 -18.89 -17.50 -5.45
N ALA A 265 -19.00 -17.66 -4.15
CA ALA A 265 -20.28 -17.92 -3.51
C ALA A 265 -20.99 -16.61 -3.47
N PRO A 266 -22.32 -16.61 -3.70
CA PRO A 266 -23.04 -15.34 -3.74
C PRO A 266 -23.03 -14.65 -2.37
N ALA A 267 -22.85 -13.32 -2.40
CA ALA A 267 -22.83 -12.47 -1.19
C ALA A 267 -23.93 -11.39 -1.19
N SER A 268 -24.55 -11.18 -0.03
CA SER A 268 -25.61 -10.19 0.10
C SER A 268 -25.04 -8.78 0.23
N GLY A 269 -23.82 -8.68 0.77
CA GLY A 269 -23.08 -7.41 0.79
C GLY A 269 -21.72 -7.54 1.46
N PRO A 270 -21.08 -6.40 1.79
CA PRO A 270 -19.83 -6.45 2.56
C PRO A 270 -20.02 -7.14 3.92
N GLY A 271 -18.91 -7.59 4.50
CA GLY A 271 -18.95 -8.24 5.82
C GLY A 271 -19.30 -7.30 6.95
N ALA A 272 -19.76 -7.84 8.07
CA ALA A 272 -20.01 -7.02 9.27
C ALA A 272 -18.76 -6.20 9.59
N ALA A 273 -18.97 -4.94 9.99
CA ALA A 273 -17.86 -4.04 10.35
C ALA A 273 -17.06 -4.58 11.53
N GLY A 274 -15.74 -4.45 11.46
CA GLY A 274 -14.92 -4.76 12.63
C GLY A 274 -15.26 -3.82 13.79
N PRO A 275 -15.06 -4.27 15.04
CA PRO A 275 -15.37 -3.38 16.17
C PRO A 275 -14.44 -2.16 16.28
N ILE A 276 -13.24 -2.27 15.69
CA ILE A 276 -12.20 -1.26 15.84
C ILE A 276 -12.11 -0.34 14.61
N THR A 277 -12.14 -0.95 13.43
CA THR A 277 -12.08 -0.21 12.19
C THR A 277 -13.47 0.23 11.66
N GLU A 278 -14.52 -0.22 12.33
CA GLU A 278 -15.89 0.24 12.05
C GLU A 278 -16.16 0.54 10.58
N SER A 279 -15.78 -0.38 9.70
CA SER A 279 -15.94 -0.17 8.29
C SER A 279 -16.14 -1.48 7.56
N SER A 280 -17.37 -1.66 7.07
CA SER A 280 -17.84 -2.95 6.59
C SER A 280 -17.33 -3.23 5.18
N GLY A 281 -16.62 -4.34 5.06
CA GLY A 281 -15.96 -4.71 3.81
C GLY A 281 -14.52 -5.08 4.08
N PHE A 282 -14.00 -4.67 5.23
CA PHE A 282 -12.58 -4.94 5.51
C PHE A 282 -12.34 -5.08 6.98
N LEU A 283 -11.26 -5.76 7.30
CA LEU A 283 -10.89 -5.99 8.68
C LEU A 283 -9.40 -5.91 8.76
N ALA A 284 -8.91 -5.19 9.74
CA ALA A 284 -7.47 -5.21 10.03
C ALA A 284 -7.07 -6.58 10.54
N TYR A 285 -5.78 -6.86 10.52
CA TYR A 285 -5.32 -8.18 10.96
C TYR A 285 -5.58 -8.40 12.46
N TYR A 286 -5.40 -7.36 13.27
CA TYR A 286 -5.70 -7.52 14.68
C TYR A 286 -7.18 -7.85 14.97
N GLU A 287 -8.07 -7.51 14.04
CA GLU A 287 -9.50 -7.86 14.12
C GLU A 287 -9.69 -9.30 13.58
N ILE A 288 -9.06 -9.58 12.45
CA ILE A 288 -9.09 -10.89 11.85
C ILE A 288 -8.75 -12.01 12.84
N CYS A 289 -7.75 -11.79 13.68
CA CYS A 289 -7.38 -12.78 14.68
C CYS A 289 -8.49 -13.13 15.67
N GLN A 290 -9.28 -12.14 16.07
CA GLN A 290 -10.48 -12.39 16.87
C GLN A 290 -11.51 -13.19 16.05
N PHE A 291 -11.71 -12.79 14.80
CA PHE A 291 -12.69 -13.45 13.94
C PHE A 291 -12.34 -14.91 13.71
N LEU A 292 -11.06 -15.21 13.64
CA LEU A 292 -10.62 -16.56 13.39
C LEU A 292 -10.98 -17.57 14.49
N LYS A 293 -11.16 -17.08 15.71
CA LYS A 293 -11.59 -17.95 16.80
C LYS A 293 -12.99 -18.49 16.49
N GLY A 294 -13.09 -19.79 16.23
CA GLY A 294 -14.36 -20.42 15.88
C GLY A 294 -14.70 -20.45 14.41
N ALA A 295 -13.81 -19.94 13.56
CA ALA A 295 -14.02 -19.98 12.12
C ALA A 295 -13.35 -21.22 11.59
N LYS A 296 -13.61 -21.49 10.32
CA LYS A 296 -12.99 -22.60 9.62
C LYS A 296 -12.21 -21.96 8.53
N ILE A 297 -10.93 -22.30 8.45
CA ILE A 297 -10.03 -21.68 7.49
C ILE A 297 -9.62 -22.63 6.38
N THR A 298 -9.59 -22.11 5.18
CA THR A 298 -9.16 -22.89 4.06
C THR A 298 -7.97 -22.21 3.42
N TRP A 299 -6.95 -22.99 3.08
CA TRP A 299 -5.85 -22.49 2.27
C TRP A 299 -6.16 -22.82 0.81
N LEU A 300 -6.15 -21.81 -0.04
CA LEU A 300 -6.39 -22.07 -1.44
C LEU A 300 -5.11 -22.52 -2.10
N GLN A 301 -5.15 -23.70 -2.69
CA GLN A 301 -3.99 -24.26 -3.38
C GLN A 301 -3.71 -23.55 -4.69
N ASP A 302 -4.79 -23.22 -5.42
CA ASP A 302 -4.71 -22.54 -6.71
C ASP A 302 -4.15 -21.13 -6.54
N GLN A 303 -4.63 -20.47 -5.51
CA GLN A 303 -4.42 -19.05 -5.31
C GLN A 303 -3.43 -18.71 -4.20
N GLN A 304 -3.06 -19.70 -3.42
CA GLN A 304 -1.98 -19.60 -2.41
C GLN A 304 -2.17 -18.58 -1.28
N VAL A 305 -3.40 -18.51 -0.77
CA VAL A 305 -3.73 -17.60 0.31
C VAL A 305 -4.92 -18.23 1.04
N PRO A 306 -5.23 -17.76 2.26
CA PRO A 306 -6.35 -18.32 3.01
C PRO A 306 -7.64 -17.57 2.91
N TYR A 307 -8.74 -18.24 3.22
CA TYR A 307 -9.98 -17.55 3.55
C TYR A 307 -10.62 -18.26 4.72
N ALA A 308 -11.41 -17.50 5.47
CA ALA A 308 -12.06 -17.99 6.68
C ALA A 308 -13.57 -17.69 6.64
N VAL A 309 -14.33 -18.65 7.16
CA VAL A 309 -15.79 -18.58 7.25
C VAL A 309 -16.21 -18.75 8.70
N LYS A 310 -17.06 -17.87 9.19
CA LYS A 310 -17.71 -18.10 10.46
C LYS A 310 -19.13 -17.54 10.35
N GLY A 311 -20.12 -18.43 10.52
CA GLY A 311 -21.53 -18.11 10.28
C GLY A 311 -21.77 -17.71 8.83
N ASN A 312 -22.28 -16.50 8.63
CA ASN A 312 -22.50 -15.96 7.29
C ASN A 312 -21.39 -14.99 6.86
N GLN A 313 -20.30 -14.97 7.62
CA GLN A 313 -19.18 -14.07 7.34
C GLN A 313 -18.05 -14.80 6.63
N TRP A 314 -17.55 -14.22 5.54
CA TRP A 314 -16.49 -14.80 4.71
C TRP A 314 -15.37 -13.76 4.59
N VAL A 315 -14.21 -14.10 5.13
CA VAL A 315 -13.08 -13.18 5.14
C VAL A 315 -11.86 -13.72 4.39
N GLY A 316 -11.54 -13.07 3.27
CA GLY A 316 -10.34 -13.33 2.48
C GLY A 316 -9.22 -12.46 3.00
N TYR A 317 -8.14 -13.10 3.46
CA TYR A 317 -7.06 -12.39 4.13
C TYR A 317 -5.65 -12.93 3.84
N ASP A 318 -4.69 -12.29 4.47
CA ASP A 318 -3.28 -12.61 4.31
C ASP A 318 -2.69 -12.91 5.69
N ASP A 319 -1.97 -14.02 5.79
CA ASP A 319 -1.42 -14.51 7.08
C ASP A 319 0.07 -14.78 6.97
N VAL A 320 0.69 -15.29 8.02
CA VAL A 320 2.14 -15.48 8.06
C VAL A 320 2.56 -16.38 6.93
N LYS A 321 1.76 -17.41 6.70
CA LYS A 321 2.10 -18.35 5.64
C LYS A 321 2.14 -17.68 4.26
N SER A 322 1.23 -16.75 3.99
CA SER A 322 1.29 -16.07 2.67
C SER A 322 2.38 -15.01 2.67
N MET A 323 2.67 -14.41 3.80
CA MET A 323 3.84 -13.53 3.88
C MET A 323 5.04 -14.31 3.31
N GLU A 324 5.34 -15.46 3.89
CA GLU A 324 6.56 -16.16 3.50
C GLU A 324 6.42 -16.64 2.05
N THR A 325 5.23 -17.06 1.69
CA THR A 325 5.00 -17.51 0.30
C THR A 325 5.23 -16.38 -0.73
N LYS A 326 4.72 -15.21 -0.43
CA LYS A 326 4.83 -14.04 -1.32
C LYS A 326 6.26 -13.56 -1.41
N VAL A 327 6.98 -13.66 -0.30
CA VAL A 327 8.38 -13.26 -0.26
C VAL A 327 9.20 -14.19 -1.14
N GLN A 328 8.90 -15.48 -1.13
CA GLN A 328 9.69 -16.38 -1.99
C GLN A 328 9.47 -16.00 -3.43
N PHE A 329 8.21 -15.74 -3.79
CA PHE A 329 7.86 -15.35 -5.17
C PHE A 329 8.60 -14.06 -5.59
N LEU A 330 8.57 -13.04 -4.76
CA LEU A 330 9.20 -11.77 -5.14
C LEU A 330 10.70 -11.91 -5.32
N LYS A 331 11.34 -12.76 -4.53
CA LYS A 331 12.77 -13.05 -4.72
C LYS A 331 13.03 -13.85 -5.99
N ASN A 332 12.16 -14.81 -6.26
CA ASN A 332 12.27 -15.61 -7.48
C ASN A 332 12.22 -14.74 -8.70
N LEU A 333 11.42 -13.69 -8.63
CA LEU A 333 11.28 -12.74 -9.74
C LEU A 333 12.21 -11.52 -9.73
N ASN A 334 13.09 -11.45 -8.75
CA ASN A 334 14.13 -10.40 -8.67
C ASN A 334 13.53 -9.02 -8.47
N LEU A 335 12.53 -8.98 -7.62
CA LEU A 335 11.80 -7.77 -7.34
C LEU A 335 12.63 -6.97 -6.38
N GLY A 336 12.23 -5.72 -6.17
CA GLY A 336 13.00 -4.75 -5.43
C GLY A 336 12.74 -4.90 -3.94
N GLY A 337 11.64 -5.55 -3.63
CA GLY A 337 11.31 -5.85 -2.25
C GLY A 337 9.83 -5.87 -2.01
N ALA A 338 9.48 -5.58 -0.78
CA ALA A 338 8.13 -5.72 -0.30
C ALA A 338 7.63 -4.42 0.20
N MET A 339 6.37 -4.12 -0.17
CA MET A 339 5.63 -2.99 0.41
C MET A 339 4.41 -3.47 1.20
N ILE A 340 4.10 -2.75 2.28
CA ILE A 340 3.01 -3.11 3.19
C ILE A 340 1.97 -2.01 3.35
N TRP A 341 0.73 -2.37 3.06
CA TRP A 341 -0.37 -1.51 3.35
C TRP A 341 -1.20 -2.18 4.46
N SER A 342 -1.17 -1.68 5.68
CA SER A 342 -0.30 -0.64 6.15
C SER A 342 0.14 -1.17 7.50
N ILE A 343 1.28 -0.74 8.01
CA ILE A 343 1.80 -1.39 9.23
C ILE A 343 0.90 -1.21 10.45
N ASP A 344 -0.02 -0.24 10.36
CA ASP A 344 -0.87 0.13 11.49
C ASP A 344 -2.15 -0.71 11.55
N MET A 345 -2.24 -1.67 10.64
CA MET A 345 -3.31 -2.69 10.60
C MET A 345 -2.81 -4.10 10.79
N ASP A 346 -1.48 -4.26 10.80
CA ASP A 346 -0.85 -5.41 11.48
C ASP A 346 -1.17 -5.30 12.97
N ASP A 347 -1.00 -6.41 13.68
CA ASP A 347 -1.13 -6.41 15.14
C ASP A 347 0.19 -5.92 15.74
N PHE A 348 0.34 -4.62 15.64
CA PHE A 348 1.53 -3.91 16.12
C PHE A 348 1.78 -3.95 17.64
N THR A 349 0.70 -3.97 18.46
CA THR A 349 0.82 -4.10 19.91
C THR A 349 1.19 -5.53 20.35
N GLY A 350 0.89 -6.52 19.49
CA GLY A 350 1.05 -7.93 19.81
C GLY A 350 -0.12 -8.55 20.58
N LYS A 351 -1.00 -7.70 21.10
CA LYS A 351 -2.04 -8.09 22.08
C LYS A 351 -3.30 -8.83 21.55
N SER A 352 -3.47 -8.96 20.24
CA SER A 352 -4.63 -9.67 19.71
C SER A 352 -4.31 -11.06 19.16
N CYS A 353 -3.24 -11.19 18.39
CA CYS A 353 -2.93 -12.47 17.75
C CYS A 353 -1.99 -13.30 18.62
N ASN A 354 -1.45 -12.71 19.68
CA ASN A 354 -0.51 -13.41 20.54
C ASN A 354 0.46 -14.18 19.66
N GLN A 355 1.26 -13.38 18.95
CA GLN A 355 2.26 -13.81 17.99
C GLN A 355 3.42 -12.81 18.04
N GLY A 356 3.45 -12.01 19.10
CA GLY A 356 4.37 -10.87 19.21
C GLY A 356 3.93 -9.62 18.45
N PRO A 357 4.75 -8.57 18.50
CA PRO A 357 4.36 -7.38 17.75
C PRO A 357 4.66 -7.55 16.26
N TYR A 358 3.79 -6.96 15.44
CA TYR A 358 3.95 -6.92 13.99
C TYR A 358 4.22 -8.29 13.46
N PRO A 359 3.35 -9.24 13.78
CA PRO A 359 3.58 -10.62 13.35
C PRO A 359 3.77 -10.79 11.83
N LEU A 360 2.95 -10.10 11.02
CA LEU A 360 2.99 -10.23 9.56
C LEU A 360 4.21 -9.61 8.94
N VAL A 361 4.43 -8.34 9.29
CA VAL A 361 5.58 -7.56 8.82
C VAL A 361 6.85 -8.19 9.33
N GLN A 362 6.81 -8.63 10.56
CA GLN A 362 7.96 -9.28 11.15
C GLN A 362 8.32 -10.57 10.39
N ALA A 363 7.31 -11.25 9.88
CA ALA A 363 7.55 -12.48 9.12
C ALA A 363 8.16 -12.14 7.76
N VAL A 364 7.75 -11.00 7.24
CA VAL A 364 8.24 -10.51 5.96
C VAL A 364 9.70 -10.15 6.08
N LYS A 365 10.03 -9.37 7.10
CA LYS A 365 11.43 -9.06 7.40
C LYS A 365 12.32 -10.31 7.44
N ARG A 366 11.85 -11.30 8.18
CA ARG A 366 12.60 -12.53 8.40
C ARG A 366 12.77 -13.31 7.10
N SER A 367 11.75 -13.25 6.25
CA SER A 367 11.74 -14.04 5.04
C SER A 367 12.64 -13.46 3.99
N LEU A 368 12.67 -12.13 3.92
CA LEU A 368 13.60 -11.41 3.04
C LEU A 368 15.00 -11.57 3.61
N GLY A 369 15.13 -11.38 4.91
CA GLY A 369 16.43 -11.53 5.55
C GLY A 369 17.08 -12.92 5.49
N SER A 370 16.30 -13.96 5.18
CA SER A 370 16.77 -15.35 5.26
C SER A 370 17.40 -15.76 3.95
N LEU A 371 18.61 -16.33 4.00
CA LEU A 371 19.23 -16.95 2.83
C LEU A 371 18.72 -18.37 2.69
C1 NAG B . -14.79 -2.73 -12.88
C2 NAG B . -14.99 -1.64 -11.81
C3 NAG B . -13.91 -1.51 -10.71
C4 NAG B . -12.90 -2.67 -10.61
C5 NAG B . -12.72 -3.31 -11.98
C6 NAG B . -11.65 -4.41 -12.05
C7 NAG B . -16.32 0.25 -12.74
C8 NAG B . -16.29 1.54 -13.54
N2 NAG B . -15.15 -0.37 -12.53
O1 NAG B . -16.03 -3.25 -13.31
O3 NAG B . -14.56 -1.30 -9.47
O4 NAG B . -11.60 -2.23 -10.22
O5 NAG B . -13.99 -3.79 -12.41
O6 NAG B . -10.79 -4.22 -13.17
O7 NAG B . -17.40 -0.15 -12.32
C1 NAG B . -11.35 -2.25 -8.80
C2 NAG B . -9.83 -2.21 -8.58
C3 NAG B . -9.45 -1.93 -7.13
C4 NAG B . -10.24 -0.75 -6.54
C5 NAG B . -11.72 -0.97 -6.82
C6 NAG B . -12.60 0.18 -6.35
C7 NAG B . -8.53 -3.71 -10.01
C8 NAG B . -8.14 -5.14 -10.26
N2 NAG B . -9.32 -3.50 -8.97
O3 NAG B . -8.06 -1.77 -7.04
O4 NAG B . -10.13 -0.67 -5.14
O5 NAG B . -11.93 -1.11 -8.22
O6 NAG B . -12.45 1.30 -7.19
O7 NAG B . -8.11 -2.84 -10.75
C1 NAG B . -9.24 0.36 -4.71
C2 NAG B . -9.50 0.65 -3.22
C3 NAG B . -8.55 1.67 -2.68
C4 NAG B . -7.14 1.25 -3.00
C5 NAG B . -6.93 0.89 -4.48
C6 NAG B . -5.65 0.14 -4.83
C7 NAG B . -11.77 0.48 -2.40
C8 NAG B . -13.17 0.99 -2.54
N2 NAG B . -10.87 1.08 -3.14
O3 NAG B . -8.82 1.69 -1.30
O4 NAG B . -6.44 2.37 -2.56
O5 NAG B . -7.91 -0.03 -4.89
O6 NAG B . -5.48 0.14 -6.24
O7 NAG B . -11.52 -0.43 -1.62
C1 NAG B . -5.16 2.05 -1.95
C2 NAG B . -4.72 3.31 -1.22
C3 NAG B . -5.47 3.50 0.09
C4 NAG B . -6.36 2.33 0.44
C5 NAG B . -5.65 1.00 0.17
C6 NAG B . -6.50 -0.25 0.54
C7 NAG B . -2.43 4.08 -1.78
C8 NAG B . -0.97 4.03 -1.42
N2 NAG B . -3.28 3.36 -1.02
O3 NAG B . -6.29 4.64 0.01
O4 NAG B . -6.65 2.37 1.80
O5 NAG B . -5.19 0.90 -1.15
O6 NAG B . -7.75 -0.26 -0.12
O7 NAG B . -2.76 4.76 -2.76
C1 NAG B . -7.83 3.13 2.08
C2 NAG B . -8.33 2.61 3.40
C3 NAG B . -9.43 3.47 4.03
C4 NAG B . -9.02 4.92 4.00
C5 NAG B . -8.51 5.34 2.63
C6 NAG B . -7.91 6.74 2.63
C7 NAG B . -7.94 0.33 4.02
C8 NAG B . -8.33 -1.11 3.96
N2 NAG B . -8.68 1.21 3.32
O3 NAG B . -9.63 3.08 5.36
O4 NAG B . -10.07 5.77 4.43
O5 NAG B . -7.48 4.49 2.23
O6 NAG B . -7.66 7.13 1.29
O7 NAG B . -6.95 0.65 4.72
C1 NAG B . -9.85 6.11 5.83
C2 NAG B . -10.14 7.58 6.14
C3 NAG B . -10.42 7.72 7.64
C4 NAG B . -11.69 6.92 7.93
C5 NAG B . -11.56 5.45 7.52
C6 NAG B . -12.85 4.92 6.88
C7 NAG B . -8.94 9.30 4.78
C8 NAG B . -7.60 9.92 4.46
N2 NAG B . -8.97 8.34 5.71
O3 NAG B . -10.48 9.10 8.04
O4 NAG B . -12.00 6.97 9.31
O5 NAG B . -10.44 5.15 6.71
O6 NAG B . -12.68 3.67 6.23
O7 NAG B . -9.94 9.67 4.16
S SO4 C . -12.59 11.99 -8.42
O1 SO4 C . -11.12 11.93 -8.53
O2 SO4 C . -13.13 12.96 -9.42
O3 SO4 C . -13.15 10.64 -8.69
O4 SO4 C . -12.92 12.32 -7.02
S SO4 D . -7.66 16.37 1.85
O1 SO4 D . -6.66 15.29 1.72
O2 SO4 D . -6.99 17.65 1.51
O3 SO4 D . -8.18 16.40 3.24
O4 SO4 D . -8.79 16.10 0.93
S SO4 E . 0.59 23.04 -19.10
O1 SO4 E . 2.03 23.07 -18.75
O2 SO4 E . 0.01 24.33 -18.69
O3 SO4 E . 0.41 22.86 -20.59
O4 SO4 E . -0.09 21.94 -18.36
#